data_2Z4Y
#
_entry.id   2Z4Y
#
_cell.length_a   45.952
_cell.length_b   116.208
_cell.length_c   126.020
_cell.angle_alpha   90.00
_cell.angle_beta   90.00
_cell.angle_gamma   90.00
#
_symmetry.space_group_name_H-M   'P 21 21 21'
#
loop_
_entity.id
_entity.type
_entity.pdbx_description
1 polymer 'Geranylgeranyl pyrophosphate synthetase'
2 non-polymer '(1-HYDROXYNONANE-1,1-DIYL)BIS(PHOSPHONIC ACID)'
3 non-polymer 'MAGNESIUM ION'
4 water water
#
_entity_poly.entity_id   1
_entity_poly.type   'polypeptide(L)'
_entity_poly.pdbx_seq_one_letter_code
;MTKNKMEAKIDELINNDPVWSSQNESLISKPYNHILLKPGKNFRLNLIVQINRVMNLPKDQLAIVSQIVELLHNSSLLID
DIEDNAPLRRGQTTSHLIFGVPSTINTANYMYFRAMQLVSQLTTKEPLYHNLITIFNEELINLHRGQGLDIYWRDFLPEI
IPTQEMYLNMVMNKTGGLFRLTLRLMEALSPSSHHGHSLVPFINLLGIIYQIRDDYLNLKDFQMSSEKGFAEDITEGKLS
FPIVHALNFTKTKGQTEQHNEILRILLLRTSDKDIKLKLIQILEFDTNSLAYTKNFINQLVNMIKNDNENKYLPDLASHS
DTATNLHDELLYIIDHLSEL
;
_entity_poly.pdbx_strand_id   A,B
#
# COMPACT_ATOMS: atom_id res chain seq x y z
N ASN A 4 15.28 28.64 -25.12
CA ASN A 4 15.07 27.83 -26.36
C ASN A 4 16.00 26.61 -26.40
N LYS A 5 16.91 26.55 -25.43
CA LYS A 5 17.82 25.40 -25.30
C LYS A 5 17.19 24.59 -24.19
N MET A 6 16.45 25.31 -23.35
CA MET A 6 15.72 24.72 -22.25
C MET A 6 14.55 24.03 -22.94
N GLU A 7 14.00 24.76 -23.92
CA GLU A 7 12.88 24.32 -24.73
C GLU A 7 13.19 22.95 -25.36
N ALA A 8 14.40 22.82 -25.88
CA ALA A 8 14.85 21.59 -26.50
C ALA A 8 14.88 20.47 -25.48
N LYS A 9 15.51 20.75 -24.33
CA LYS A 9 15.61 19.76 -23.25
C LYS A 9 14.20 19.38 -22.83
N ILE A 10 13.37 20.37 -22.56
CA ILE A 10 11.99 20.16 -22.16
C ILE A 10 11.29 19.34 -23.21
N ASP A 11 11.55 19.64 -24.46
CA ASP A 11 10.91 18.89 -25.49
C ASP A 11 11.32 17.44 -25.52
N GLU A 12 12.60 17.17 -25.33
CA GLU A 12 13.00 15.78 -25.35
C GLU A 12 12.41 15.05 -24.14
N LEU A 13 12.24 15.79 -23.06
CA LEU A 13 11.72 15.23 -21.85
C LEU A 13 10.28 14.75 -22.00
N ILE A 14 9.40 15.68 -22.40
CA ILE A 14 7.99 15.39 -22.52
C ILE A 14 7.55 14.49 -23.68
N ASN A 15 8.42 14.31 -24.66
CA ASN A 15 8.08 13.47 -25.79
C ASN A 15 8.65 12.10 -25.67
N ASN A 16 9.20 11.80 -24.48
CA ASN A 16 9.78 10.48 -24.21
C ASN A 16 9.18 9.83 -22.98
N ASP A 17 9.43 8.53 -22.83
CA ASP A 17 8.92 7.85 -21.65
C ASP A 17 9.72 8.37 -20.47
N PRO A 18 9.15 8.29 -19.28
CA PRO A 18 9.91 8.76 -18.11
C PRO A 18 11.22 7.96 -17.96
N VAL A 19 12.28 8.66 -17.61
CA VAL A 19 13.57 8.05 -17.42
C VAL A 19 13.58 7.35 -16.06
N TRP A 20 14.06 6.12 -16.04
CA TRP A 20 14.16 5.34 -14.84
C TRP A 20 15.39 4.44 -15.05
N SER A 21 16.41 4.61 -14.21
CA SER A 21 17.64 3.82 -14.32
C SER A 21 17.68 2.56 -13.42
N SER A 22 18.63 1.65 -13.71
CA SER A 22 18.71 0.46 -12.87
C SER A 22 19.25 0.88 -11.48
N GLN A 23 20.01 1.94 -11.43
CA GLN A 23 20.50 2.43 -10.15
C GLN A 23 19.23 2.86 -9.32
N ASN A 24 18.32 3.58 -9.94
CA ASN A 24 17.08 4.05 -9.33
C ASN A 24 16.29 2.84 -8.80
N GLU A 25 16.20 1.81 -9.63
CA GLU A 25 15.46 0.60 -9.29
C GLU A 25 16.07 -0.03 -8.03
N SER A 26 17.40 -0.15 -8.02
CA SER A 26 18.06 -0.70 -6.86
C SER A 26 17.80 0.10 -5.58
N LEU A 27 17.87 1.43 -5.67
CA LEU A 27 17.65 2.27 -4.48
C LEU A 27 16.28 2.07 -3.84
N ILE A 28 15.25 2.10 -4.66
CA ILE A 28 13.93 1.95 -4.09
C ILE A 28 13.59 0.50 -3.78
N SER A 29 14.40 -0.46 -4.21
CA SER A 29 14.10 -1.85 -3.89
C SER A 29 14.69 -2.27 -2.53
N LYS A 30 15.48 -1.41 -1.87
CA LYS A 30 16.09 -1.79 -0.60
C LYS A 30 15.20 -2.47 0.46
N PRO A 31 14.02 -1.89 0.75
CA PRO A 31 13.16 -2.51 1.78
C PRO A 31 12.71 -3.93 1.39
N TYR A 32 12.48 -4.15 0.10
CA TYR A 32 12.07 -5.44 -0.37
C TYR A 32 13.24 -6.42 -0.34
N ASN A 33 14.38 -6.00 -0.88
CA ASN A 33 15.59 -6.84 -0.91
C ASN A 33 15.94 -7.33 0.49
N HIS A 34 15.79 -6.44 1.48
CA HIS A 34 16.09 -6.82 2.87
C HIS A 34 15.20 -7.99 3.34
N ILE A 35 13.91 -8.01 3.01
CA ILE A 35 13.11 -9.15 3.50
C ILE A 35 13.50 -10.45 2.76
N LEU A 36 14.07 -10.32 1.57
CA LEU A 36 14.54 -11.51 0.85
C LEU A 36 15.80 -12.12 1.47
N LEU A 37 16.55 -11.35 2.24
CA LEU A 37 17.79 -11.86 2.85
C LEU A 37 17.62 -13.14 3.66
N LYS A 38 16.48 -13.28 4.31
CA LYS A 38 16.23 -14.46 5.12
C LYS A 38 15.18 -15.31 4.45
N PRO A 39 15.38 -16.63 4.43
CA PRO A 39 14.40 -17.52 3.80
C PRO A 39 13.01 -17.41 4.45
N GLY A 40 11.97 -17.53 3.65
CA GLY A 40 10.61 -17.48 4.16
C GLY A 40 10.03 -18.87 4.27
N ARG A 44 6.78 -22.05 0.77
CA ARG A 44 5.62 -21.82 -0.14
C ARG A 44 5.78 -22.61 -1.43
N LEU A 45 6.94 -22.47 -2.08
CA LEU A 45 7.25 -23.17 -3.32
C LEU A 45 6.83 -24.62 -3.14
N ASN A 46 6.84 -25.05 -1.88
CA ASN A 46 6.41 -26.38 -1.51
C ASN A 46 4.93 -26.49 -1.94
N LEU A 47 4.02 -25.92 -1.13
CA LEU A 47 2.57 -25.91 -1.39
C LEU A 47 2.19 -25.85 -2.87
N ILE A 48 2.84 -24.96 -3.61
CA ILE A 48 2.58 -24.79 -5.02
C ILE A 48 2.89 -26.08 -5.81
N VAL A 49 3.96 -26.78 -5.43
CA VAL A 49 4.33 -28.00 -6.15
C VAL A 49 3.38 -29.14 -5.82
N GLN A 50 2.85 -29.15 -4.60
CA GLN A 50 1.91 -30.19 -4.21
C GLN A 50 0.63 -30.00 -5.00
N ILE A 51 0.12 -28.78 -4.97
CA ILE A 51 -1.10 -28.52 -5.70
C ILE A 51 -0.89 -28.83 -7.19
N ASN A 52 0.35 -28.76 -7.68
CA ASN A 52 0.56 -29.02 -9.10
C ASN A 52 0.37 -30.50 -9.50
N ARG A 53 0.33 -31.40 -8.53
CA ARG A 53 0.14 -32.82 -8.82
C ARG A 53 -1.28 -32.96 -9.39
N VAL A 54 -2.16 -32.08 -8.94
CA VAL A 54 -3.55 -32.04 -9.38
C VAL A 54 -3.66 -31.14 -10.61
N MET A 55 -2.97 -30.02 -10.56
CA MET A 55 -3.05 -29.05 -11.63
C MET A 55 -2.23 -29.30 -12.89
N ASN A 56 -1.05 -29.90 -12.76
CA ASN A 56 -0.24 -30.18 -13.93
C ASN A 56 0.17 -29.01 -14.79
N LEU A 57 0.55 -27.90 -14.18
CA LEU A 57 0.98 -26.75 -14.97
C LEU A 57 2.39 -27.01 -15.50
N PRO A 58 2.69 -26.53 -16.72
CA PRO A 58 4.05 -26.77 -17.18
C PRO A 58 4.95 -25.99 -16.21
N LYS A 59 6.16 -26.48 -16.03
CA LYS A 59 7.12 -25.85 -15.12
C LYS A 59 7.42 -24.37 -15.35
N ASP A 60 7.49 -23.95 -16.61
CA ASP A 60 7.79 -22.56 -16.96
C ASP A 60 6.68 -21.57 -16.50
N GLN A 61 5.44 -22.05 -16.45
CA GLN A 61 4.33 -21.22 -16.00
C GLN A 61 4.24 -21.30 -14.46
N LEU A 62 4.50 -22.50 -13.91
CA LEU A 62 4.46 -22.70 -12.48
C LEU A 62 5.42 -21.72 -11.81
N ALA A 63 6.57 -21.49 -12.45
CA ALA A 63 7.58 -20.58 -11.93
C ALA A 63 7.08 -19.16 -11.86
N ILE A 64 6.32 -18.74 -12.87
CA ILE A 64 5.79 -17.39 -12.90
C ILE A 64 4.68 -17.18 -11.83
N VAL A 65 3.82 -18.19 -11.65
CA VAL A 65 2.77 -18.11 -10.64
C VAL A 65 3.50 -17.96 -9.32
N SER A 66 4.56 -18.73 -9.20
CA SER A 66 5.38 -18.74 -8.01
C SER A 66 6.03 -17.37 -7.69
N GLN A 67 6.54 -16.67 -8.71
CA GLN A 67 7.15 -15.37 -8.49
C GLN A 67 6.05 -14.39 -8.10
N ILE A 68 4.87 -14.57 -8.67
CA ILE A 68 3.79 -13.65 -8.37
C ILE A 68 3.37 -13.72 -6.91
N VAL A 69 3.14 -14.94 -6.42
CA VAL A 69 2.72 -15.18 -5.06
C VAL A 69 3.82 -14.76 -4.07
N GLU A 70 5.08 -14.98 -4.46
CA GLU A 70 6.25 -14.57 -3.69
C GLU A 70 6.29 -13.06 -3.52
N LEU A 71 6.19 -12.34 -4.62
CA LEU A 71 6.19 -10.89 -4.62
C LEU A 71 5.08 -10.33 -3.74
N LEU A 72 3.86 -10.84 -3.91
CA LEU A 72 2.70 -10.38 -3.14
C LEU A 72 2.79 -10.71 -1.65
N HIS A 73 3.27 -11.91 -1.32
CA HIS A 73 3.38 -12.33 0.06
C HIS A 73 4.42 -11.52 0.80
N ASN A 74 5.61 -11.44 0.21
CA ASN A 74 6.67 -10.66 0.84
C ASN A 74 6.30 -9.19 1.02
N SER A 75 5.71 -8.60 -0.01
CA SER A 75 5.27 -7.20 0.04
C SER A 75 4.18 -6.96 1.10
N SER A 76 3.31 -7.96 1.27
CA SER A 76 2.23 -7.99 2.28
C SER A 76 2.83 -7.94 3.67
N LEU A 77 3.90 -8.71 3.86
CA LEU A 77 4.53 -8.76 5.15
C LEU A 77 5.20 -7.43 5.48
N LEU A 78 5.77 -6.77 4.48
CA LEU A 78 6.40 -5.44 4.75
C LEU A 78 5.31 -4.50 5.33
N ILE A 79 4.14 -4.51 4.71
CA ILE A 79 2.98 -3.63 5.09
C ILE A 79 2.42 -4.08 6.45
N ASP A 80 2.24 -5.37 6.58
CA ASP A 80 1.72 -5.96 7.84
C ASP A 80 2.60 -5.56 9.03
N ASP A 81 3.91 -5.62 8.82
CA ASP A 81 4.83 -5.29 9.92
C ASP A 81 4.74 -3.82 10.30
N ILE A 82 4.47 -2.97 9.33
CA ILE A 82 4.33 -1.55 9.62
C ILE A 82 3.00 -1.37 10.39
N GLU A 83 1.98 -2.09 9.95
CA GLU A 83 0.66 -1.98 10.54
C GLU A 83 0.60 -2.49 11.96
N ASP A 84 1.44 -3.47 12.27
CA ASP A 84 1.54 -4.07 13.63
C ASP A 84 2.71 -3.47 14.43
N ASN A 85 3.49 -2.58 13.82
CA ASN A 85 4.75 -2.05 14.35
C ASN A 85 5.63 -3.20 14.93
N ALA A 86 5.80 -4.24 14.12
CA ALA A 86 6.55 -5.41 14.48
C ALA A 86 8.04 -5.08 14.49
N PRO A 87 8.76 -5.49 15.53
CA PRO A 87 10.18 -5.18 15.51
C PRO A 87 11.00 -6.24 14.76
N LEU A 88 10.43 -7.43 14.57
CA LEU A 88 11.18 -8.52 13.92
C LEU A 88 10.37 -9.34 12.91
N ARG A 89 11.03 -9.76 11.84
CA ARG A 89 10.41 -10.59 10.81
C ARG A 89 11.54 -11.54 10.34
N ARG A 90 11.24 -12.84 10.29
CA ARG A 90 12.20 -13.87 9.91
C ARG A 90 13.52 -13.73 10.71
N GLY A 91 13.40 -13.44 11.99
CA GLY A 91 14.60 -13.30 12.81
C GLY A 91 15.50 -12.07 12.61
N GLN A 92 15.03 -11.06 11.89
CA GLN A 92 15.85 -9.87 11.71
C GLN A 92 15.01 -8.63 11.89
N THR A 93 15.69 -7.52 12.05
CA THR A 93 15.06 -6.26 12.18
C THR A 93 14.16 -6.04 10.97
N THR A 94 13.00 -5.53 11.24
CA THR A 94 12.00 -5.26 10.28
C THR A 94 12.39 -4.13 9.30
N SER A 95 12.08 -4.26 7.99
CA SER A 95 12.48 -3.21 7.03
C SER A 95 12.10 -1.78 7.39
N HIS A 96 10.90 -1.55 7.96
CA HIS A 96 10.51 -0.18 8.23
C HIS A 96 11.35 0.53 9.27
N LEU A 97 11.91 -0.26 10.17
CA LEU A 97 12.78 0.26 11.20
C LEU A 97 14.16 0.59 10.64
N ILE A 98 14.50 0.03 9.50
CA ILE A 98 15.79 0.33 8.92
C ILE A 98 15.72 1.46 7.92
N PHE A 99 14.85 1.28 6.93
CA PHE A 99 14.71 2.27 5.87
C PHE A 99 13.61 3.28 6.11
N GLY A 100 12.83 3.10 7.17
CA GLY A 100 11.72 4.04 7.44
C GLY A 100 10.41 3.54 6.85
N VAL A 101 9.33 3.91 7.51
CA VAL A 101 7.98 3.55 7.09
C VAL A 101 7.65 4.11 5.67
N PRO A 102 8.05 5.35 5.38
CA PRO A 102 7.72 5.90 4.05
C PRO A 102 8.26 5.11 2.88
N SER A 103 9.56 4.80 2.88
CA SER A 103 10.12 4.02 1.77
C SER A 103 9.55 2.63 1.73
N THR A 104 9.29 2.09 2.91
CA THR A 104 8.81 0.74 3.00
C THR A 104 7.38 0.59 2.46
N ILE A 105 6.51 1.53 2.82
CA ILE A 105 5.15 1.51 2.28
C ILE A 105 5.24 1.62 0.77
N ASN A 106 5.99 2.60 0.29
CA ASN A 106 6.05 2.82 -1.14
C ASN A 106 6.61 1.62 -1.91
N THR A 107 7.68 1.02 -1.41
CA THR A 107 8.26 -0.11 -2.10
C THR A 107 7.33 -1.32 -2.11
N ALA A 108 6.67 -1.61 -0.97
CA ALA A 108 5.73 -2.72 -0.90
C ALA A 108 4.62 -2.51 -1.92
N ASN A 109 4.09 -1.29 -1.98
CA ASN A 109 3.01 -0.99 -2.92
C ASN A 109 3.56 -1.08 -4.34
N TYR A 110 4.76 -0.59 -4.53
CA TYR A 110 5.35 -0.72 -5.87
C TYR A 110 5.38 -2.20 -6.30
N MET A 111 5.79 -3.11 -5.41
CA MET A 111 5.88 -4.52 -5.77
C MET A 111 4.48 -5.17 -6.03
N TYR A 112 3.39 -4.62 -5.46
CA TYR A 112 2.04 -5.14 -5.73
C TYR A 112 1.80 -4.98 -7.23
N PHE A 113 2.20 -3.82 -7.78
CA PHE A 113 1.97 -3.54 -9.19
C PHE A 113 2.96 -4.26 -10.12
N ARG A 114 4.17 -4.54 -9.61
CA ARG A 114 5.12 -5.31 -10.40
C ARG A 114 4.55 -6.72 -10.45
N ALA A 115 3.90 -7.18 -9.38
CA ALA A 115 3.35 -8.53 -9.39
C ALA A 115 2.22 -8.61 -10.44
N MET A 116 1.36 -7.60 -10.44
CA MET A 116 0.24 -7.53 -11.39
C MET A 116 0.78 -7.58 -12.84
N GLN A 117 1.87 -6.86 -13.06
CA GLN A 117 2.49 -6.80 -14.36
C GLN A 117 2.96 -8.22 -14.78
N LEU A 118 3.39 -9.06 -13.83
CA LEU A 118 3.84 -10.42 -14.15
C LEU A 118 2.73 -11.34 -14.69
N VAL A 119 1.49 -11.09 -14.28
CA VAL A 119 0.39 -11.90 -14.77
C VAL A 119 0.43 -12.02 -16.32
N SER A 120 0.86 -10.96 -17.01
CA SER A 120 0.88 -11.03 -18.45
C SER A 120 2.03 -11.91 -19.00
N GLN A 121 2.86 -12.47 -18.12
CA GLN A 121 3.91 -13.36 -18.60
C GLN A 121 3.27 -14.77 -18.56
N LEU A 122 2.02 -14.86 -18.12
CA LEU A 122 1.43 -16.17 -18.07
C LEU A 122 0.76 -16.60 -19.37
N THR A 123 0.29 -15.65 -20.16
CA THR A 123 -0.42 -15.98 -21.41
C THR A 123 -0.51 -14.78 -22.32
N THR A 124 -0.85 -15.05 -23.59
CA THR A 124 -1.08 -14.02 -24.58
C THR A 124 -2.54 -14.14 -25.00
N LYS A 125 -3.22 -15.22 -24.60
CA LYS A 125 -4.65 -15.46 -24.88
C LYS A 125 -5.48 -14.45 -24.10
N GLU A 126 -6.15 -13.55 -24.79
CA GLU A 126 -6.95 -12.50 -24.18
C GLU A 126 -7.98 -12.85 -23.11
N PRO A 127 -8.82 -13.88 -23.37
CA PRO A 127 -9.87 -14.34 -22.46
C PRO A 127 -9.27 -14.80 -21.14
N LEU A 128 -8.31 -15.73 -21.24
CA LEU A 128 -7.60 -16.27 -20.09
C LEU A 128 -6.87 -15.12 -19.36
N TYR A 129 -6.27 -14.19 -20.11
CA TYR A 129 -5.57 -13.10 -19.48
C TYR A 129 -6.59 -12.38 -18.56
N HIS A 130 -7.74 -12.05 -19.10
CA HIS A 130 -8.78 -11.37 -18.34
C HIS A 130 -9.19 -12.14 -17.07
N ASN A 131 -9.31 -13.46 -17.14
CA ASN A 131 -9.67 -14.21 -15.96
C ASN A 131 -8.57 -14.17 -14.91
N LEU A 132 -7.31 -14.22 -15.31
CA LEU A 132 -6.20 -14.19 -14.34
C LEU A 132 -6.15 -12.83 -13.62
N ILE A 133 -6.35 -11.77 -14.37
CA ILE A 133 -6.33 -10.45 -13.77
C ILE A 133 -7.52 -10.30 -12.82
N THR A 134 -8.66 -10.87 -13.18
CA THR A 134 -9.84 -10.76 -12.34
C THR A 134 -9.59 -11.48 -11.03
N ILE A 135 -8.98 -12.67 -11.08
CA ILE A 135 -8.70 -13.48 -9.88
C ILE A 135 -7.76 -12.69 -8.98
N PHE A 136 -6.72 -12.15 -9.61
CA PHE A 136 -5.70 -11.35 -8.93
C PHE A 136 -6.41 -10.23 -8.16
N ASN A 137 -7.22 -9.50 -8.91
CA ASN A 137 -7.93 -8.36 -8.41
C ASN A 137 -8.89 -8.73 -7.27
N GLU A 138 -9.71 -9.77 -7.46
CA GLU A 138 -10.62 -10.23 -6.43
C GLU A 138 -9.97 -10.63 -5.09
N GLU A 139 -8.89 -11.41 -5.16
CA GLU A 139 -8.27 -11.86 -3.96
C GLU A 139 -7.43 -10.76 -3.26
N LEU A 140 -6.94 -9.77 -3.97
CA LEU A 140 -6.23 -8.68 -3.33
C LEU A 140 -7.29 -7.84 -2.60
N ILE A 141 -8.48 -7.73 -3.20
CA ILE A 141 -9.59 -7.02 -2.56
C ILE A 141 -9.97 -7.76 -1.27
N ASN A 142 -10.05 -9.08 -1.33
CA ASN A 142 -10.39 -9.87 -0.16
C ASN A 142 -9.33 -9.79 0.95
N LEU A 143 -8.07 -9.84 0.53
CA LEU A 143 -6.96 -9.75 1.45
C LEU A 143 -7.06 -8.44 2.21
N HIS A 144 -7.33 -7.34 1.52
CA HIS A 144 -7.40 -6.06 2.22
C HIS A 144 -8.66 -5.93 3.07
N ARG A 145 -9.76 -6.54 2.64
CA ARG A 145 -10.99 -6.52 3.44
C ARG A 145 -10.72 -7.23 4.79
N GLY A 146 -10.13 -8.43 4.76
CA GLY A 146 -9.87 -9.09 6.04
C GLY A 146 -8.84 -8.35 6.89
N GLN A 147 -7.75 -7.89 6.27
CA GLN A 147 -6.78 -7.12 7.01
C GLN A 147 -7.43 -5.86 7.61
N GLY A 148 -8.32 -5.22 6.85
CA GLY A 148 -8.99 -4.01 7.33
C GLY A 148 -9.72 -4.27 8.64
N LEU A 149 -10.47 -5.36 8.68
CA LEU A 149 -11.23 -5.78 9.84
C LEU A 149 -10.34 -6.15 11.02
N ASP A 150 -9.31 -6.95 10.76
CA ASP A 150 -8.39 -7.36 11.82
C ASP A 150 -7.75 -6.13 12.52
N ILE A 151 -7.34 -5.17 11.71
CA ILE A 151 -6.67 -3.95 12.21
C ILE A 151 -7.70 -3.08 12.95
N TYR A 152 -8.88 -2.97 12.36
CA TYR A 152 -9.93 -2.13 12.97
C TYR A 152 -10.26 -2.68 14.38
N TRP A 153 -10.56 -3.96 14.49
CA TRP A 153 -10.88 -4.53 15.80
C TRP A 153 -9.79 -4.31 16.80
N ARG A 154 -8.55 -4.50 16.33
CA ARG A 154 -7.40 -4.30 17.22
C ARG A 154 -7.19 -2.82 17.63
N ASP A 155 -7.23 -1.94 16.65
CA ASP A 155 -6.96 -0.54 16.96
C ASP A 155 -8.09 0.20 17.66
N PHE A 156 -9.35 -0.22 17.50
CA PHE A 156 -10.45 0.47 18.18
C PHE A 156 -11.08 -0.34 19.34
N LEU A 157 -10.38 -1.39 19.80
CA LEU A 157 -10.86 -2.22 20.92
C LEU A 157 -11.08 -1.21 22.11
N PRO A 158 -12.12 -1.39 22.93
CA PRO A 158 -13.12 -2.46 22.88
C PRO A 158 -14.40 -2.10 22.13
N GLU A 159 -14.31 -1.24 21.11
CA GLU A 159 -15.52 -0.88 20.38
C GLU A 159 -16.20 -2.12 19.79
N ILE A 160 -15.45 -3.09 19.26
CA ILE A 160 -16.09 -4.28 18.73
C ILE A 160 -15.38 -5.52 19.28
N ILE A 161 -16.11 -6.46 19.84
CA ILE A 161 -15.47 -7.68 20.33
C ILE A 161 -15.99 -8.68 19.34
N PRO A 162 -15.12 -9.20 18.46
CA PRO A 162 -15.67 -10.17 17.50
C PRO A 162 -16.11 -11.48 18.12
N THR A 163 -17.10 -12.10 17.48
CA THR A 163 -17.54 -13.43 17.90
C THR A 163 -16.63 -14.41 17.08
N GLN A 164 -16.68 -15.69 17.41
CA GLN A 164 -15.91 -16.67 16.64
C GLN A 164 -16.26 -16.57 15.15
N GLU A 165 -17.55 -16.46 14.87
CA GLU A 165 -18.04 -16.36 13.49
C GLU A 165 -17.45 -15.16 12.74
N MET A 166 -17.42 -13.99 13.37
CA MET A 166 -16.84 -12.84 12.71
C MET A 166 -15.37 -13.08 12.46
N TYR A 167 -14.69 -13.66 13.45
CA TYR A 167 -13.26 -13.98 13.30
C TYR A 167 -13.07 -14.90 12.08
N LEU A 168 -13.89 -15.96 11.96
CA LEU A 168 -13.75 -16.86 10.84
C LEU A 168 -14.00 -16.18 9.46
N ASN A 169 -14.93 -15.21 9.40
CA ASN A 169 -15.17 -14.51 8.12
C ASN A 169 -14.01 -13.60 7.79
N MET A 170 -13.40 -13.02 8.82
CA MET A 170 -12.26 -12.14 8.64
C MET A 170 -11.13 -13.01 8.05
N VAL A 171 -10.89 -14.18 8.63
CA VAL A 171 -9.83 -15.13 8.13
C VAL A 171 -10.09 -15.61 6.70
N MET A 172 -11.35 -15.92 6.39
CA MET A 172 -11.75 -16.34 5.02
C MET A 172 -11.33 -15.23 4.03
N ASN A 173 -11.53 -13.96 4.42
CA ASN A 173 -11.09 -12.86 3.58
C ASN A 173 -9.59 -12.68 3.54
N LYS A 174 -8.97 -12.56 4.72
CA LYS A 174 -7.54 -12.28 4.85
C LYS A 174 -6.59 -13.41 4.45
N THR A 175 -6.54 -14.48 5.25
CA THR A 175 -5.65 -15.62 4.97
C THR A 175 -6.18 -16.34 3.76
N GLY A 176 -7.50 -16.48 3.70
CA GLY A 176 -8.10 -17.13 2.54
C GLY A 176 -7.63 -16.51 1.23
N GLY A 177 -7.44 -15.18 1.23
CA GLY A 177 -6.98 -14.44 0.05
C GLY A 177 -5.75 -14.95 -0.69
N LEU A 178 -4.61 -15.11 -0.03
CA LEU A 178 -3.41 -15.61 -0.73
C LEU A 178 -3.51 -17.08 -1.11
N PHE A 179 -4.16 -17.87 -0.27
CA PHE A 179 -4.28 -19.30 -0.56
C PHE A 179 -5.18 -19.46 -1.79
N ARG A 180 -6.32 -18.78 -1.82
CA ARG A 180 -7.20 -18.88 -2.99
C ARG A 180 -6.55 -18.26 -4.21
N LEU A 181 -5.80 -17.15 -4.04
CA LEU A 181 -5.19 -16.53 -5.20
C LEU A 181 -4.29 -17.56 -5.87
N THR A 182 -3.44 -18.20 -5.08
CA THR A 182 -2.54 -19.21 -5.61
C THR A 182 -3.32 -20.36 -6.29
N LEU A 183 -4.32 -20.89 -5.60
CA LEU A 183 -5.08 -22.03 -6.16
C LEU A 183 -5.85 -21.65 -7.41
N ARG A 184 -6.62 -20.55 -7.35
CA ARG A 184 -7.41 -20.11 -8.49
C ARG A 184 -6.58 -19.82 -9.75
N LEU A 185 -5.42 -19.18 -9.60
CA LEU A 185 -4.57 -18.91 -10.75
C LEU A 185 -4.18 -20.24 -11.37
N MET A 186 -3.75 -21.19 -10.55
CA MET A 186 -3.34 -22.50 -11.07
C MET A 186 -4.51 -23.27 -11.75
N GLU A 187 -5.70 -23.24 -11.13
CA GLU A 187 -6.86 -23.91 -11.73
C GLU A 187 -7.21 -23.21 -13.04
N ALA A 188 -7.02 -21.90 -13.09
CA ALA A 188 -7.39 -21.21 -14.32
C ALA A 188 -6.36 -21.53 -15.38
N LEU A 189 -5.18 -21.96 -14.97
CA LEU A 189 -4.13 -22.26 -15.93
C LEU A 189 -4.14 -23.73 -16.36
N SER A 190 -4.54 -24.60 -15.45
CA SER A 190 -4.58 -26.01 -15.70
C SER A 190 -5.11 -26.43 -17.05
N PRO A 191 -4.38 -27.33 -17.73
CA PRO A 191 -4.81 -27.80 -19.05
C PRO A 191 -5.86 -28.90 -18.83
N SER A 198 -13.05 -28.17 -8.30
CA SER A 198 -12.40 -27.02 -7.54
C SER A 198 -11.92 -27.43 -6.16
N LEU A 199 -10.68 -27.14 -5.85
CA LEU A 199 -10.20 -27.45 -4.53
C LEU A 199 -10.31 -26.17 -3.65
N VAL A 200 -11.08 -25.19 -4.10
CA VAL A 200 -11.22 -23.96 -3.35
C VAL A 200 -11.70 -24.21 -1.89
N PRO A 201 -12.75 -25.04 -1.68
CA PRO A 201 -13.26 -25.33 -0.32
C PRO A 201 -12.10 -25.90 0.54
N PHE A 202 -11.34 -26.83 -0.04
CA PHE A 202 -10.21 -27.42 0.62
C PHE A 202 -9.17 -26.36 0.97
N ILE A 203 -8.86 -25.49 0.01
CA ILE A 203 -7.84 -24.49 0.28
C ILE A 203 -8.30 -23.48 1.35
N ASN A 204 -9.62 -23.19 1.38
CA ASN A 204 -10.19 -22.29 2.38
C ASN A 204 -9.98 -22.94 3.74
N LEU A 205 -10.34 -24.22 3.88
CA LEU A 205 -10.11 -24.91 5.16
C LEU A 205 -8.62 -24.95 5.58
N LEU A 206 -7.73 -25.17 4.63
CA LEU A 206 -6.29 -25.19 4.92
C LEU A 206 -5.86 -23.81 5.47
N GLY A 207 -6.38 -22.73 4.88
CA GLY A 207 -6.02 -21.41 5.35
C GLY A 207 -6.53 -21.12 6.75
N ILE A 208 -7.73 -21.60 7.09
CA ILE A 208 -8.31 -21.35 8.41
C ILE A 208 -7.46 -22.10 9.44
N ILE A 209 -7.11 -23.35 9.11
CA ILE A 209 -6.27 -24.18 9.98
C ILE A 209 -4.96 -23.48 10.14
N TYR A 210 -4.37 -23.05 9.03
CA TYR A 210 -3.09 -22.34 9.10
C TYR A 210 -3.12 -21.09 10.03
N GLN A 211 -4.15 -20.25 9.87
CA GLN A 211 -4.22 -19.05 10.71
C GLN A 211 -4.43 -19.34 12.21
N ILE A 212 -5.33 -20.27 12.51
CA ILE A 212 -5.63 -20.57 13.89
C ILE A 212 -4.45 -21.24 14.57
N ARG A 213 -3.72 -22.04 13.80
CA ARG A 213 -2.54 -22.73 14.34
C ARG A 213 -1.47 -21.68 14.60
N ASP A 214 -1.37 -20.71 13.70
CA ASP A 214 -0.44 -19.61 13.84
C ASP A 214 -0.79 -18.81 15.11
N ASP A 215 -2.08 -18.49 15.34
CA ASP A 215 -2.44 -17.70 16.53
C ASP A 215 -2.07 -18.54 17.75
N TYR A 216 -2.42 -19.82 17.70
CA TYR A 216 -2.17 -20.77 18.79
C TYR A 216 -0.69 -20.90 19.19
N LEU A 217 0.20 -21.08 18.19
CA LEU A 217 1.63 -21.27 18.47
C LEU A 217 2.33 -20.02 18.96
N ASN A 218 1.80 -18.88 18.58
CA ASN A 218 2.37 -17.61 19.01
C ASN A 218 2.29 -17.54 20.54
N LEU A 219 1.27 -18.15 21.15
CA LEU A 219 1.12 -18.15 22.60
C LEU A 219 1.79 -19.36 23.25
N LYS A 220 1.58 -20.53 22.65
CA LYS A 220 2.11 -21.81 23.14
C LYS A 220 3.65 -21.84 23.11
N ASP A 221 4.26 -21.31 22.07
CA ASP A 221 5.73 -21.26 22.02
C ASP A 221 6.34 -20.36 23.10
N PHE A 222 5.57 -19.39 23.59
CA PHE A 222 6.07 -18.49 24.65
C PHE A 222 5.84 -19.20 26.00
N GLN A 223 4.64 -19.71 26.20
CA GLN A 223 4.31 -20.40 27.43
C GLN A 223 5.40 -21.46 27.72
N LYS A 228 10.62 -19.67 23.05
CA LYS A 228 11.01 -19.94 21.64
C LYS A 228 10.48 -18.85 20.69
N GLY A 229 9.55 -18.04 21.21
CA GLY A 229 8.95 -16.96 20.42
C GLY A 229 8.57 -15.89 21.43
N PHE A 230 8.18 -14.69 20.99
CA PHE A 230 7.85 -13.64 21.94
C PHE A 230 6.36 -13.36 22.22
N ALA A 231 5.45 -14.24 21.85
CA ALA A 231 4.01 -13.99 22.02
C ALA A 231 3.72 -12.54 21.55
N GLU A 232 4.35 -12.12 20.46
CA GLU A 232 4.23 -10.77 19.91
C GLU A 232 2.78 -10.40 19.55
N ASP A 233 1.94 -11.41 19.32
CA ASP A 233 0.53 -11.11 19.05
C ASP A 233 -0.08 -10.34 20.25
N ILE A 234 0.39 -10.65 21.46
CA ILE A 234 -0.14 -9.96 22.67
C ILE A 234 0.31 -8.49 22.63
N THR A 235 1.59 -8.25 22.33
CA THR A 235 2.12 -6.89 22.21
C THR A 235 1.38 -6.09 21.15
N GLU A 236 0.94 -6.79 20.13
CA GLU A 236 0.21 -6.15 19.03
C GLU A 236 -1.29 -5.94 19.34
N GLY A 237 -1.79 -6.52 20.41
CA GLY A 237 -3.21 -6.34 20.77
C GLY A 237 -4.19 -7.09 19.85
N LYS A 238 -3.68 -8.10 19.15
CA LYS A 238 -4.46 -8.84 18.17
C LYS A 238 -5.65 -9.64 18.70
N LEU A 239 -6.75 -9.62 17.97
CA LEU A 239 -7.94 -10.38 18.37
C LEU A 239 -7.71 -11.76 17.73
N SER A 240 -6.80 -12.52 18.32
CA SER A 240 -6.47 -13.83 17.81
C SER A 240 -7.61 -14.82 18.12
N PHE A 241 -7.55 -16.02 17.55
CA PHE A 241 -8.60 -17.01 17.82
C PHE A 241 -8.73 -17.31 19.35
N PRO A 242 -7.60 -17.60 20.05
CA PRO A 242 -7.73 -17.88 21.49
C PRO A 242 -8.28 -16.64 22.28
N ILE A 243 -7.86 -15.44 21.91
CA ILE A 243 -8.34 -14.19 22.56
C ILE A 243 -9.83 -13.99 22.32
N VAL A 244 -10.28 -14.30 21.11
CA VAL A 244 -11.70 -14.18 20.77
C VAL A 244 -12.50 -15.16 21.63
N HIS A 245 -12.01 -16.40 21.76
CA HIS A 245 -12.69 -17.36 22.60
C HIS A 245 -12.74 -16.83 24.05
N ALA A 246 -11.59 -16.35 24.56
CA ALA A 246 -11.56 -15.87 25.95
C ALA A 246 -12.50 -14.70 26.24
N LEU A 247 -12.57 -13.73 25.31
CA LEU A 247 -13.43 -12.56 25.54
C LEU A 247 -14.89 -12.94 25.53
N ASN A 248 -15.28 -13.84 24.64
CA ASN A 248 -16.67 -14.26 24.62
C ASN A 248 -16.98 -15.23 25.80
N PHE A 249 -15.99 -16.06 26.16
CA PHE A 249 -16.16 -16.99 27.29
C PHE A 249 -16.39 -16.22 28.59
N THR A 250 -15.54 -15.22 28.86
CA THR A 250 -15.67 -14.44 30.10
C THR A 250 -16.98 -13.66 30.13
N LYS A 251 -17.38 -13.09 29.00
CA LYS A 251 -18.64 -12.36 28.94
C LYS A 251 -19.81 -13.34 29.28
N THR A 252 -19.83 -14.47 28.58
CA THR A 252 -20.84 -15.51 28.78
C THR A 252 -20.94 -16.03 30.20
N LYS A 253 -19.81 -16.23 30.86
CA LYS A 253 -19.80 -16.76 32.22
C LYS A 253 -19.89 -15.70 33.30
N GLY A 254 -19.97 -14.43 32.94
CA GLY A 254 -20.00 -13.38 33.95
C GLY A 254 -18.67 -13.15 34.67
N GLN A 255 -17.55 -13.46 34.01
CA GLN A 255 -16.24 -13.26 34.58
C GLN A 255 -15.86 -11.84 34.15
N THR A 256 -16.52 -10.87 34.77
CA THR A 256 -16.30 -9.46 34.47
C THR A 256 -14.87 -8.97 34.66
N GLU A 257 -14.29 -9.30 35.81
CA GLU A 257 -12.95 -8.86 36.05
C GLU A 257 -11.95 -9.45 35.00
N GLN A 258 -12.04 -10.74 34.67
CA GLN A 258 -11.08 -11.33 33.75
C GLN A 258 -11.29 -10.77 32.32
N HIS A 259 -12.55 -10.55 31.97
CA HIS A 259 -12.89 -10.00 30.66
C HIS A 259 -12.20 -8.61 30.48
N ASN A 260 -12.39 -7.71 31.45
CA ASN A 260 -11.74 -6.40 31.44
C ASN A 260 -10.20 -6.49 31.58
N GLU A 261 -9.69 -7.49 32.30
CA GLU A 261 -8.25 -7.58 32.46
C GLU A 261 -7.67 -8.02 31.11
N ILE A 262 -8.34 -8.92 30.40
CA ILE A 262 -7.84 -9.31 29.08
C ILE A 262 -7.79 -8.06 28.18
N LEU A 263 -8.86 -7.26 28.22
CA LEU A 263 -8.90 -6.05 27.40
C LEU A 263 -7.76 -5.07 27.79
N ARG A 264 -7.58 -4.84 29.09
CA ARG A 264 -6.55 -3.91 29.56
C ARG A 264 -5.15 -4.38 29.10
N ILE A 265 -4.87 -5.66 29.19
CA ILE A 265 -3.53 -6.11 28.77
C ILE A 265 -3.32 -5.87 27.27
N LEU A 266 -4.32 -6.22 26.45
CA LEU A 266 -4.18 -6.03 24.99
C LEU A 266 -3.91 -4.56 24.68
N LEU A 267 -4.66 -3.69 25.35
CA LEU A 267 -4.52 -2.28 25.12
C LEU A 267 -3.18 -1.68 25.62
N LEU A 268 -2.44 -2.43 26.42
CA LEU A 268 -1.15 -1.95 26.86
C LEU A 268 -0.12 -1.96 25.72
N ARG A 269 -0.28 -2.88 24.75
CA ARG A 269 0.68 -3.04 23.68
C ARG A 269 2.03 -3.26 24.43
N THR A 270 2.06 -4.19 25.36
CA THR A 270 3.27 -4.33 26.18
C THR A 270 4.27 -5.35 25.70
N SER A 271 5.54 -5.11 25.97
CA SER A 271 6.58 -6.08 25.66
C SER A 271 6.96 -6.76 26.97
N ASP A 272 6.34 -6.42 28.10
CA ASP A 272 6.74 -7.09 29.34
C ASP A 272 6.44 -8.57 29.27
N LYS A 273 7.46 -9.40 29.50
CA LYS A 273 7.32 -10.87 29.44
C LYS A 273 6.39 -11.44 30.49
N ASP A 274 6.45 -10.90 31.71
CA ASP A 274 5.59 -11.39 32.75
C ASP A 274 4.12 -11.07 32.52
N ILE A 275 3.87 -9.89 31.96
CA ILE A 275 2.47 -9.54 31.72
C ILE A 275 1.89 -10.42 30.61
N LYS A 276 2.71 -10.74 29.62
CA LYS A 276 2.25 -11.58 28.52
C LYS A 276 1.99 -12.97 29.03
N LEU A 277 2.89 -13.45 29.90
CA LEU A 277 2.73 -14.78 30.48
C LEU A 277 1.47 -14.84 31.36
N LYS A 278 1.18 -13.74 32.07
CA LYS A 278 -0.03 -13.73 32.90
C LYS A 278 -1.26 -13.93 31.97
N LEU A 279 -1.30 -13.20 30.87
CA LEU A 279 -2.45 -13.32 29.97
C LEU A 279 -2.55 -14.72 29.37
N ILE A 280 -1.41 -15.29 28.98
CA ILE A 280 -1.40 -16.65 28.41
C ILE A 280 -1.93 -17.63 29.48
N GLN A 281 -1.56 -17.42 30.77
CA GLN A 281 -2.00 -18.36 31.81
C GLN A 281 -3.47 -18.15 32.15
N ILE A 282 -3.97 -16.94 31.93
CA ILE A 282 -5.42 -16.72 32.07
C ILE A 282 -6.06 -17.61 30.96
N LEU A 283 -5.52 -17.60 29.73
CA LEU A 283 -6.13 -18.43 28.67
C LEU A 283 -5.99 -19.91 28.94
N GLU A 284 -4.90 -20.26 29.59
CA GLU A 284 -4.64 -21.64 29.97
C GLU A 284 -5.52 -22.21 31.07
N PHE A 285 -5.62 -21.48 32.19
CA PHE A 285 -6.36 -21.98 33.38
C PHE A 285 -7.76 -21.40 33.67
N ASP A 286 -7.97 -20.15 33.27
CA ASP A 286 -9.21 -19.47 33.61
C ASP A 286 -10.28 -19.57 32.58
N THR A 287 -9.93 -19.48 31.29
CA THR A 287 -10.93 -19.53 30.26
C THR A 287 -10.80 -20.81 29.43
N ASN A 288 -9.73 -21.57 29.62
CA ASN A 288 -9.46 -22.77 28.85
C ASN A 288 -9.54 -22.58 27.33
N SER A 289 -9.10 -21.40 26.89
CA SER A 289 -9.06 -21.00 25.50
C SER A 289 -7.93 -21.75 24.78
N LEU A 290 -6.85 -22.08 25.49
CA LEU A 290 -5.79 -22.80 24.76
C LEU A 290 -6.24 -24.23 24.43
N ALA A 291 -6.89 -24.90 25.39
CA ALA A 291 -7.36 -26.26 25.12
C ALA A 291 -8.49 -26.20 24.07
N TYR A 292 -9.36 -25.21 24.18
CA TYR A 292 -10.43 -25.07 23.24
C TYR A 292 -9.86 -24.94 21.84
N THR A 293 -8.81 -24.13 21.70
CA THR A 293 -8.24 -23.87 20.40
C THR A 293 -7.53 -25.10 19.87
N LYS A 294 -6.78 -25.80 20.72
CA LYS A 294 -6.06 -27.00 20.31
C LYS A 294 -7.04 -28.03 19.73
N ASN A 295 -8.17 -28.20 20.41
CA ASN A 295 -9.18 -29.12 19.96
C ASN A 295 -9.89 -28.65 18.66
N PHE A 296 -10.17 -27.35 18.55
CA PHE A 296 -10.81 -26.82 17.36
C PHE A 296 -9.89 -27.13 16.18
N ILE A 297 -8.60 -26.97 16.38
CA ILE A 297 -7.68 -27.25 15.33
C ILE A 297 -7.73 -28.76 14.94
N ASN A 298 -7.72 -29.64 15.94
CA ASN A 298 -7.77 -31.06 15.67
C ASN A 298 -9.02 -31.43 14.90
N GLN A 299 -10.14 -30.86 15.29
CA GLN A 299 -11.40 -31.15 14.63
C GLN A 299 -11.39 -30.69 13.18
N LEU A 300 -10.78 -29.54 12.89
CA LEU A 300 -10.72 -29.08 11.50
C LEU A 300 -9.82 -30.04 10.74
N VAL A 301 -8.71 -30.42 11.34
CA VAL A 301 -7.78 -31.36 10.72
C VAL A 301 -8.50 -32.69 10.45
N ASN A 302 -9.38 -33.10 11.38
CA ASN A 302 -10.14 -34.34 11.20
C ASN A 302 -11.06 -34.25 10.02
N MET A 303 -11.70 -33.10 9.81
CA MET A 303 -12.58 -32.94 8.67
C MET A 303 -11.85 -33.29 7.36
N ILE A 304 -10.56 -32.97 7.27
CA ILE A 304 -9.81 -33.29 6.06
C ILE A 304 -9.42 -34.76 6.10
N LYS A 305 -8.28 -35.03 6.72
CA LYS A 305 -7.75 -36.38 6.87
C LYS A 305 -8.83 -37.47 6.84
N ASN A 306 -9.94 -37.23 7.54
CA ASN A 306 -11.06 -38.16 7.58
C ASN A 306 -12.08 -37.69 6.55
N ASP A 307 -11.92 -38.13 5.31
CA ASP A 307 -12.81 -37.70 4.24
C ASP A 307 -12.66 -38.60 3.00
N ASN B 4 -19.88 -31.88 15.13
CA ASN B 4 -21.11 -32.16 14.34
C ASN B 4 -21.74 -30.85 13.89
N LYS B 5 -22.26 -30.08 14.84
CA LYS B 5 -22.86 -28.79 14.51
C LYS B 5 -21.79 -27.87 13.93
N MET B 6 -20.62 -27.92 14.58
CA MET B 6 -19.49 -27.13 14.17
C MET B 6 -19.13 -27.43 12.71
N GLU B 7 -19.05 -28.72 12.38
CA GLU B 7 -18.73 -29.16 11.03
C GLU B 7 -19.65 -28.63 9.95
N ALA B 8 -20.95 -28.68 10.20
CA ALA B 8 -21.87 -28.17 9.21
C ALA B 8 -21.56 -26.71 8.93
N LYS B 9 -21.34 -25.94 10.00
CA LYS B 9 -21.02 -24.52 9.89
C LYS B 9 -19.70 -24.27 9.12
N ILE B 10 -18.68 -25.06 9.41
CA ILE B 10 -17.40 -24.92 8.74
C ILE B 10 -17.61 -25.27 7.28
N ASP B 11 -18.48 -26.26 7.06
CA ASP B 11 -18.79 -26.70 5.71
C ASP B 11 -19.41 -25.60 4.88
N GLU B 12 -20.39 -24.93 5.49
CA GLU B 12 -21.09 -23.85 4.87
C GLU B 12 -20.10 -22.71 4.57
N LEU B 13 -19.27 -22.42 5.55
CA LEU B 13 -18.27 -21.36 5.45
C LEU B 13 -17.31 -21.51 4.26
N ILE B 14 -16.62 -22.64 4.17
CA ILE B 14 -15.61 -22.88 3.14
C ILE B 14 -16.11 -23.11 1.74
N ASN B 15 -17.38 -23.47 1.63
CA ASN B 15 -18.00 -23.70 0.33
C ASN B 15 -18.66 -22.43 -0.19
N ASN B 16 -18.55 -21.35 0.56
CA ASN B 16 -19.17 -20.10 0.15
C ASN B 16 -18.09 -19.05 -0.16
N ASP B 17 -18.45 -18.01 -0.89
CA ASP B 17 -17.48 -16.95 -1.14
C ASP B 17 -17.28 -16.31 0.23
N PRO B 18 -16.18 -15.58 0.43
CA PRO B 18 -15.95 -14.94 1.73
C PRO B 18 -17.06 -13.92 2.10
N VAL B 19 -17.53 -13.95 3.33
CA VAL B 19 -18.60 -13.03 3.72
C VAL B 19 -18.08 -11.59 3.97
N TRP B 20 -18.74 -10.62 3.36
CA TRP B 20 -18.40 -9.23 3.53
C TRP B 20 -19.67 -8.42 3.56
N SER B 21 -19.97 -7.75 4.66
CA SER B 21 -21.20 -6.96 4.72
C SER B 21 -21.02 -5.51 4.33
N SER B 22 -22.16 -4.87 4.10
CA SER B 22 -22.20 -3.47 3.76
C SER B 22 -21.66 -2.70 4.95
N GLN B 23 -21.89 -3.21 6.17
CA GLN B 23 -21.37 -2.57 7.41
C GLN B 23 -19.82 -2.76 7.48
N ASN B 24 -19.28 -3.91 7.13
CA ASN B 24 -17.81 -4.08 7.10
C ASN B 24 -17.24 -3.03 6.12
N GLU B 25 -17.93 -2.84 5.00
CA GLU B 25 -17.50 -1.88 3.98
C GLU B 25 -17.41 -0.46 4.57
N SER B 26 -18.40 -0.10 5.36
CA SER B 26 -18.40 1.22 5.96
C SER B 26 -17.27 1.38 6.95
N LEU B 27 -17.01 0.35 7.75
CA LEU B 27 -15.90 0.45 8.71
C LEU B 27 -14.58 0.68 7.92
N ILE B 28 -14.34 -0.12 6.89
CA ILE B 28 -13.11 0.02 6.10
C ILE B 28 -13.04 1.32 5.31
N SER B 29 -14.18 1.91 4.98
CA SER B 29 -14.10 3.12 4.21
C SER B 29 -13.95 4.43 4.94
N LYS B 30 -13.92 4.40 6.26
CA LYS B 30 -13.86 5.61 7.04
C LYS B 30 -12.65 6.52 6.76
N PRO B 31 -11.41 5.94 6.67
CA PRO B 31 -10.31 6.87 6.39
C PRO B 31 -10.47 7.57 5.04
N TYR B 32 -11.08 6.87 4.11
CA TYR B 32 -11.30 7.35 2.77
C TYR B 32 -12.40 8.45 2.73
N ASN B 33 -13.58 8.12 3.25
CA ASN B 33 -14.67 9.10 3.25
C ASN B 33 -14.28 10.40 3.91
N HIS B 34 -13.35 10.34 4.84
CA HIS B 34 -12.92 11.55 5.51
C HIS B 34 -12.23 12.58 4.62
N ILE B 35 -11.45 12.12 3.66
CA ILE B 35 -10.71 13.01 2.80
C ILE B 35 -11.59 13.54 1.67
N LEU B 36 -12.69 12.82 1.47
CA LEU B 36 -13.66 13.12 0.43
C LEU B 36 -14.18 14.54 0.44
N LEU B 37 -14.31 15.10 1.64
CA LEU B 37 -14.78 16.47 1.86
C LEU B 37 -13.83 17.56 1.25
N ILE B 48 -11.42 16.78 -16.20
CA ILE B 48 -11.76 15.56 -16.96
C ILE B 48 -12.80 15.80 -18.04
N VAL B 49 -13.81 16.59 -17.72
CA VAL B 49 -14.85 16.87 -18.70
C VAL B 49 -14.34 17.73 -19.84
N GLN B 50 -13.38 18.61 -19.55
CA GLN B 50 -12.81 19.45 -20.59
C GLN B 50 -11.97 18.59 -21.54
N ILE B 51 -11.20 17.66 -20.98
CA ILE B 51 -10.38 16.78 -21.82
C ILE B 51 -11.36 15.97 -22.69
N ASN B 52 -12.59 15.83 -22.21
CA ASN B 52 -13.61 15.07 -22.93
C ASN B 52 -14.20 15.87 -24.09
N ARG B 53 -13.91 17.16 -24.10
CA ARG B 53 -14.37 18.03 -25.18
C ARG B 53 -13.52 17.66 -26.38
N VAL B 54 -12.50 16.82 -26.15
CA VAL B 54 -11.59 16.36 -27.19
C VAL B 54 -11.72 14.86 -27.42
N MET B 55 -12.13 14.14 -26.38
CA MET B 55 -12.26 12.69 -26.43
C MET B 55 -13.65 12.20 -26.75
N ASN B 56 -14.64 12.95 -26.28
CA ASN B 56 -16.07 12.67 -26.46
C ASN B 56 -16.49 11.24 -26.07
N LEU B 57 -16.28 10.89 -24.80
CA LEU B 57 -16.65 9.55 -24.33
C LEU B 57 -18.09 9.53 -23.88
N PRO B 58 -18.82 8.43 -24.15
CA PRO B 58 -20.21 8.32 -23.74
C PRO B 58 -20.24 8.51 -22.22
N LYS B 59 -20.98 9.53 -21.79
CA LYS B 59 -21.11 9.90 -20.38
C LYS B 59 -21.14 8.72 -19.41
N ASP B 60 -21.35 7.55 -19.95
CA ASP B 60 -21.39 6.30 -19.23
C ASP B 60 -19.94 6.00 -18.77
N GLN B 61 -19.08 5.69 -19.74
CA GLN B 61 -17.69 5.42 -19.45
C GLN B 61 -17.09 6.59 -18.70
N LEU B 62 -17.40 7.81 -19.16
CA LEU B 62 -16.88 8.99 -18.50
C LEU B 62 -17.09 8.97 -16.98
N ALA B 63 -18.20 8.37 -16.54
CA ALA B 63 -18.54 8.29 -15.12
C ALA B 63 -17.53 7.40 -14.38
N ILE B 64 -17.26 6.24 -14.96
CA ILE B 64 -16.35 5.27 -14.42
C ILE B 64 -14.90 5.78 -14.39
N VAL B 65 -14.46 6.40 -15.48
CA VAL B 65 -13.12 6.94 -15.56
C VAL B 65 -12.94 7.98 -14.44
N SER B 66 -14.00 8.72 -14.19
CA SER B 66 -13.97 9.75 -13.18
C SER B 66 -13.84 9.12 -11.80
N GLN B 67 -14.61 8.06 -11.55
CA GLN B 67 -14.55 7.39 -10.27
C GLN B 67 -13.19 6.74 -10.06
N ILE B 68 -12.60 6.23 -11.14
CA ILE B 68 -11.30 5.57 -11.10
C ILE B 68 -10.25 6.57 -10.64
N VAL B 69 -10.25 7.73 -11.29
CA VAL B 69 -9.32 8.80 -11.03
C VAL B 69 -9.46 9.38 -9.63
N GLU B 70 -10.70 9.50 -9.16
CA GLU B 70 -10.89 10.01 -7.82
C GLU B 70 -10.39 8.97 -6.80
N LEU B 71 -10.72 7.69 -6.99
CA LEU B 71 -10.26 6.67 -6.06
C LEU B 71 -8.74 6.69 -5.94
N LEU B 72 -8.05 6.65 -7.08
CA LEU B 72 -6.60 6.65 -7.09
C LEU B 72 -6.02 7.91 -6.51
N HIS B 73 -6.54 9.05 -6.95
CA HIS B 73 -6.05 10.32 -6.48
C HIS B 73 -6.27 10.51 -4.99
N ASN B 74 -7.47 10.29 -4.49
CA ASN B 74 -7.68 10.44 -3.07
C ASN B 74 -6.88 9.42 -2.25
N SER B 75 -6.80 8.19 -2.70
CA SER B 75 -6.06 7.16 -1.98
C SER B 75 -4.57 7.46 -1.94
N SER B 76 -4.04 7.94 -3.07
CA SER B 76 -2.62 8.23 -3.08
C SER B 76 -2.31 9.40 -2.15
N LEU B 77 -3.28 10.30 -1.95
CA LEU B 77 -3.06 11.45 -1.02
C LEU B 77 -3.02 10.94 0.44
N LEU B 78 -3.88 9.98 0.77
CA LEU B 78 -3.88 9.38 2.10
C LEU B 78 -2.49 8.82 2.44
N ILE B 79 -1.92 8.08 1.49
CA ILE B 79 -0.60 7.48 1.63
C ILE B 79 0.50 8.54 1.66
N ASP B 80 0.42 9.46 0.71
CA ASP B 80 1.38 10.56 0.66
C ASP B 80 1.43 11.29 2.00
N ASP B 81 0.27 11.52 2.63
CA ASP B 81 0.27 12.22 3.92
C ASP B 81 0.93 11.40 5.03
N ILE B 82 0.80 10.09 4.98
CA ILE B 82 1.47 9.22 5.98
C ILE B 82 2.98 9.27 5.68
N GLU B 83 3.34 9.17 4.40
CA GLU B 83 4.75 9.19 3.98
C GLU B 83 5.43 10.53 4.33
N ASP B 84 4.67 11.62 4.45
CA ASP B 84 5.28 12.94 4.76
C ASP B 84 4.97 13.38 6.19
N ASN B 85 4.32 12.49 6.96
CA ASN B 85 3.83 12.82 8.30
C ASN B 85 3.16 14.21 8.37
N ALA B 86 2.24 14.42 7.47
CA ALA B 86 1.54 15.69 7.36
C ALA B 86 0.38 15.82 8.33
N PRO B 87 0.26 16.99 8.97
CA PRO B 87 -0.85 17.18 9.92
C PRO B 87 -2.17 17.65 9.28
N LEU B 88 -2.06 18.27 8.11
CA LEU B 88 -3.22 18.82 7.44
C LEU B 88 -3.33 18.53 5.96
N ARG B 89 -4.55 18.44 5.47
CA ARG B 89 -4.86 18.17 4.07
C ARG B 89 -6.23 18.81 3.82
N ARG B 90 -6.31 19.70 2.84
CA ARG B 90 -7.57 20.37 2.52
C ARG B 90 -8.12 21.09 3.74
N GLY B 91 -7.24 21.63 4.58
CA GLY B 91 -7.65 22.34 5.79
C GLY B 91 -8.13 21.53 7.00
N GLN B 92 -8.09 20.21 6.95
CA GLN B 92 -8.54 19.42 8.10
C GLN B 92 -7.46 18.42 8.52
N THR B 93 -7.58 17.91 9.74
CA THR B 93 -6.64 16.93 10.26
C THR B 93 -6.61 15.71 9.30
N THR B 94 -5.40 15.28 8.94
CA THR B 94 -5.22 14.14 8.03
C THR B 94 -5.82 12.86 8.60
N SER B 95 -6.27 12.01 7.69
CA SER B 95 -6.92 10.79 8.08
C SER B 95 -6.12 9.92 9.01
N HIS B 96 -4.80 9.76 8.76
CA HIS B 96 -4.02 8.89 9.64
C HIS B 96 -3.92 9.35 11.08
N LEU B 97 -4.12 10.66 11.32
CA LEU B 97 -4.03 11.13 12.71
C LEU B 97 -5.35 10.84 13.43
N ILE B 98 -6.42 10.68 12.69
CA ILE B 98 -7.74 10.38 13.24
C ILE B 98 -7.99 8.86 13.32
N PHE B 99 -7.75 8.13 12.23
CA PHE B 99 -8.01 6.68 12.25
C PHE B 99 -6.78 5.83 12.47
N GLY B 100 -5.62 6.46 12.57
CA GLY B 100 -4.42 5.68 12.78
C GLY B 100 -3.74 5.35 11.46
N VAL B 101 -2.43 5.24 11.50
CA VAL B 101 -1.68 4.88 10.31
C VAL B 101 -2.07 3.49 9.77
N PRO B 102 -2.17 2.45 10.63
CA PRO B 102 -2.52 1.09 10.16
C PRO B 102 -3.77 1.03 9.28
N SER B 103 -4.90 1.49 9.80
CA SER B 103 -6.15 1.49 9.03
C SER B 103 -6.06 2.39 7.80
N THR B 104 -5.34 3.50 7.87
CA THR B 104 -5.28 4.40 6.72
C THR B 104 -4.49 3.79 5.55
N ILE B 105 -3.35 3.14 5.82
CA ILE B 105 -2.60 2.46 4.76
C ILE B 105 -3.48 1.40 4.12
N ASN B 106 -4.10 0.57 4.95
CA ASN B 106 -4.89 -0.54 4.41
C ASN B 106 -6.06 -0.06 3.59
N THR B 107 -6.78 0.96 4.10
CA THR B 107 -7.89 1.47 3.34
C THR B 107 -7.43 2.09 1.98
N ALA B 108 -6.36 2.85 1.98
CA ALA B 108 -5.85 3.46 0.76
C ALA B 108 -5.49 2.35 -0.23
N ASN B 109 -4.75 1.35 0.27
CA ASN B 109 -4.37 0.26 -0.62
C ASN B 109 -5.62 -0.47 -1.17
N TYR B 110 -6.62 -0.64 -0.32
CA TYR B 110 -7.85 -1.32 -0.72
C TYR B 110 -8.48 -0.53 -1.87
N MET B 111 -8.54 0.80 -1.73
CA MET B 111 -9.14 1.62 -2.79
C MET B 111 -8.34 1.51 -4.11
N TYR B 112 -7.03 1.23 -4.06
CA TYR B 112 -6.25 1.06 -5.31
C TYR B 112 -6.83 -0.11 -6.10
N PHE B 113 -7.13 -1.19 -5.39
CA PHE B 113 -7.65 -2.37 -6.03
C PHE B 113 -9.12 -2.22 -6.40
N ARG B 114 -9.87 -1.40 -5.68
CA ARG B 114 -11.27 -1.17 -6.07
C ARG B 114 -11.24 -0.36 -7.41
N ALA B 115 -10.28 0.56 -7.53
CA ALA B 115 -10.16 1.36 -8.74
C ALA B 115 -9.82 0.40 -9.88
N MET B 116 -8.90 -0.51 -9.61
CA MET B 116 -8.50 -1.48 -10.60
C MET B 116 -9.72 -2.28 -11.10
N GLN B 117 -10.63 -2.65 -10.19
CA GLN B 117 -11.82 -3.41 -10.57
C GLN B 117 -12.79 -2.61 -11.45
N LEU B 118 -12.85 -1.30 -11.28
CA LEU B 118 -13.71 -0.46 -12.08
C LEU B 118 -13.22 -0.44 -13.51
N VAL B 119 -11.94 -0.75 -13.75
CA VAL B 119 -11.45 -0.78 -15.12
C VAL B 119 -12.22 -1.82 -15.94
N SER B 120 -12.58 -2.95 -15.34
CA SER B 120 -13.28 -3.96 -16.13
C SER B 120 -14.70 -3.54 -16.50
N GLN B 121 -15.24 -2.51 -15.89
CA GLN B 121 -16.57 -2.08 -16.28
C GLN B 121 -16.50 -1.02 -17.33
N LEU B 122 -15.27 -0.68 -17.75
CA LEU B 122 -15.12 0.30 -18.79
C LEU B 122 -15.40 -0.42 -20.08
N THR B 123 -14.99 -1.69 -20.15
CA THR B 123 -15.18 -2.49 -21.35
C THR B 123 -14.92 -3.97 -21.15
N THR B 124 -15.62 -4.76 -21.94
CA THR B 124 -15.42 -6.22 -21.95
C THR B 124 -14.73 -6.63 -23.27
N LYS B 125 -14.52 -5.65 -24.18
CA LYS B 125 -13.82 -5.89 -25.47
C LYS B 125 -12.42 -6.28 -25.07
N GLU B 126 -12.09 -7.55 -25.28
CA GLU B 126 -10.81 -8.11 -24.85
C GLU B 126 -9.57 -7.38 -25.26
N PRO B 127 -9.54 -6.87 -26.49
CA PRO B 127 -8.35 -6.15 -26.96
C PRO B 127 -8.17 -4.84 -26.19
N LEU B 128 -9.23 -4.06 -26.15
CA LEU B 128 -9.20 -2.79 -25.46
C LEU B 128 -9.06 -2.95 -23.92
N TYR B 129 -9.61 -4.02 -23.36
CA TYR B 129 -9.51 -4.25 -21.94
C TYR B 129 -8.04 -4.35 -21.55
N HIS B 130 -7.33 -5.22 -22.28
CA HIS B 130 -5.92 -5.42 -22.02
C HIS B 130 -5.18 -4.09 -22.05
N ASN B 131 -5.41 -3.30 -23.08
CA ASN B 131 -4.77 -2.01 -23.18
C ASN B 131 -5.02 -1.13 -21.97
N LEU B 132 -6.27 -1.06 -21.51
CA LEU B 132 -6.65 -0.25 -20.34
C LEU B 132 -5.91 -0.72 -19.04
N ILE B 133 -5.87 -2.03 -18.80
CA ILE B 133 -5.17 -2.56 -17.64
C ILE B 133 -3.64 -2.32 -17.75
N THR B 134 -3.10 -2.37 -18.97
CA THR B 134 -1.66 -2.13 -19.18
C THR B 134 -1.34 -0.66 -18.84
N ILE B 135 -2.20 0.26 -19.30
CA ILE B 135 -2.02 1.69 -19.01
C ILE B 135 -2.05 1.94 -17.48
N PHE B 136 -3.07 1.37 -16.83
CA PHE B 136 -3.29 1.47 -15.39
C PHE B 136 -2.05 0.89 -14.70
N ASN B 137 -1.62 -0.28 -15.14
CA ASN B 137 -0.45 -0.88 -14.53
C ASN B 137 0.84 -0.03 -14.71
N GLU B 138 1.16 0.34 -15.96
CA GLU B 138 2.34 1.14 -16.25
C GLU B 138 2.38 2.46 -15.52
N GLU B 139 1.28 3.18 -15.52
CA GLU B 139 1.31 4.44 -14.88
C GLU B 139 1.32 4.31 -13.32
N LEU B 140 0.78 3.24 -12.76
CA LEU B 140 0.90 3.14 -11.29
C LEU B 140 2.37 2.76 -10.93
N ILE B 141 3.00 2.02 -11.83
CA ILE B 141 4.40 1.71 -11.67
C ILE B 141 5.21 3.02 -11.69
N ASN B 142 4.95 3.88 -12.67
CA ASN B 142 5.69 5.13 -12.75
C ASN B 142 5.42 5.98 -11.53
N LEU B 143 4.17 6.10 -11.11
CA LEU B 143 3.80 6.87 -9.91
C LEU B 143 4.66 6.43 -8.70
N HIS B 144 4.70 5.14 -8.46
CA HIS B 144 5.45 4.62 -7.34
C HIS B 144 6.98 4.78 -7.48
N ARG B 145 7.49 4.69 -8.72
CA ARG B 145 8.94 4.86 -8.91
C ARG B 145 9.28 6.31 -8.58
N GLY B 146 8.48 7.22 -9.09
CA GLY B 146 8.75 8.62 -8.81
C GLY B 146 8.61 8.97 -7.33
N GLN B 147 7.58 8.46 -6.69
CA GLN B 147 7.38 8.73 -5.27
C GLN B 147 8.55 8.11 -4.50
N GLY B 148 8.93 6.90 -4.86
CA GLY B 148 10.05 6.27 -4.14
C GLY B 148 11.35 7.10 -4.23
N LEU B 149 11.60 7.72 -5.38
CA LEU B 149 12.80 8.51 -5.58
C LEU B 149 12.72 9.82 -4.79
N ASP B 150 11.56 10.49 -4.80
CA ASP B 150 11.38 11.74 -4.09
C ASP B 150 11.57 11.44 -2.57
N ILE B 151 11.01 10.32 -2.12
CA ILE B 151 11.13 9.91 -0.69
C ILE B 151 12.58 9.53 -0.38
N TYR B 152 13.19 8.81 -1.30
CA TYR B 152 14.56 8.40 -1.02
C TYR B 152 15.47 9.63 -0.84
N TRP B 153 15.43 10.58 -1.78
CA TRP B 153 16.31 11.75 -1.65
C TRP B 153 16.08 12.47 -0.32
N ARG B 154 14.81 12.60 0.06
CA ARG B 154 14.46 13.31 1.30
C ARG B 154 14.96 12.57 2.55
N ASP B 155 14.70 11.27 2.60
CA ASP B 155 15.08 10.46 3.78
C ASP B 155 16.56 10.06 3.86
N PHE B 156 17.28 10.14 2.74
CA PHE B 156 18.70 9.84 2.77
C PHE B 156 19.56 11.12 2.73
N LEU B 157 18.93 12.30 2.61
CA LEU B 157 19.67 13.57 2.60
C LEU B 157 20.61 13.59 3.82
N PRO B 158 21.88 14.06 3.67
CA PRO B 158 22.52 14.58 2.46
C PRO B 158 23.35 13.60 1.64
N GLU B 159 22.94 12.34 1.55
CA GLU B 159 23.70 11.38 0.75
C GLU B 159 23.70 11.73 -0.73
N ILE B 160 22.54 12.12 -1.26
CA ILE B 160 22.40 12.48 -2.66
C ILE B 160 21.69 13.85 -2.84
N ILE B 161 22.33 14.79 -3.52
CA ILE B 161 21.63 16.04 -3.81
C ILE B 161 21.24 15.97 -5.29
N PRO B 162 19.94 15.80 -5.58
CA PRO B 162 19.66 15.73 -7.02
C PRO B 162 19.95 17.03 -7.80
N THR B 163 20.11 16.87 -9.11
CA THR B 163 20.32 17.97 -10.00
C THR B 163 18.93 18.29 -10.51
N GLN B 164 18.86 19.36 -11.30
CA GLN B 164 17.60 19.79 -11.86
C GLN B 164 17.06 18.71 -12.78
N GLU B 165 17.95 18.13 -13.58
CA GLU B 165 17.56 17.10 -14.52
C GLU B 165 17.01 15.88 -13.77
N MET B 166 17.70 15.46 -12.70
CA MET B 166 17.23 14.32 -11.92
C MET B 166 15.83 14.65 -11.38
N TYR B 167 15.66 15.87 -10.88
CA TYR B 167 14.36 16.27 -10.33
C TYR B 167 13.28 16.18 -11.39
N LEU B 168 13.57 16.68 -12.59
CA LEU B 168 12.53 16.61 -13.65
C LEU B 168 12.21 15.16 -14.07
N ASN B 169 13.22 14.28 -14.07
CA ASN B 169 12.91 12.87 -14.37
C ASN B 169 12.00 12.29 -13.25
N MET B 170 12.25 12.68 -12.01
CA MET B 170 11.42 12.16 -10.91
C MET B 170 9.96 12.63 -11.09
N VAL B 171 9.77 13.90 -11.44
CA VAL B 171 8.43 14.45 -11.69
C VAL B 171 7.69 13.76 -12.86
N MET B 172 8.41 13.47 -13.94
CA MET B 172 7.81 12.79 -15.10
C MET B 172 7.21 11.45 -14.62
N ASN B 173 7.92 10.77 -13.71
CA ASN B 173 7.42 9.49 -13.19
C ASN B 173 6.25 9.73 -12.23
N LYS B 174 6.48 10.54 -11.20
CA LYS B 174 5.51 10.80 -10.14
C LYS B 174 4.27 11.53 -10.61
N THR B 175 4.41 12.84 -10.73
CA THR B 175 3.30 13.68 -11.14
C THR B 175 2.80 13.26 -12.51
N GLY B 176 3.71 13.00 -13.42
CA GLY B 176 3.28 12.58 -14.74
C GLY B 176 2.39 11.35 -14.73
N GLY B 177 2.62 10.45 -13.78
CA GLY B 177 1.82 9.23 -13.74
C GLY B 177 0.30 9.30 -13.73
N LEU B 178 -0.28 10.04 -12.79
CA LEU B 178 -1.73 10.11 -12.74
C LEU B 178 -2.26 11.00 -13.87
N PHE B 179 -1.47 12.00 -14.30
CA PHE B 179 -1.89 12.89 -15.41
C PHE B 179 -1.99 12.03 -16.69
N ARG B 180 -0.92 11.29 -16.94
CA ARG B 180 -0.84 10.41 -18.09
C ARG B 180 -1.87 9.30 -17.96
N LEU B 181 -2.11 8.82 -16.74
CA LEU B 181 -3.08 7.74 -16.57
C LEU B 181 -4.46 8.15 -17.07
N THR B 182 -4.91 9.32 -16.64
CA THR B 182 -6.22 9.86 -16.99
C THR B 182 -6.29 10.07 -18.49
N LEU B 183 -5.26 10.71 -19.04
CA LEU B 183 -5.28 11.01 -20.46
C LEU B 183 -5.23 9.78 -21.32
N ARG B 184 -4.34 8.83 -21.01
CA ARG B 184 -4.24 7.62 -21.81
C ARG B 184 -5.49 6.75 -21.73
N LEU B 185 -6.12 6.66 -20.56
CA LEU B 185 -7.35 5.87 -20.48
C LEU B 185 -8.37 6.48 -21.42
N MET B 186 -8.59 7.78 -21.28
CA MET B 186 -9.58 8.49 -22.11
C MET B 186 -9.27 8.39 -23.60
N GLU B 187 -8.03 8.66 -23.99
CA GLU B 187 -7.68 8.53 -25.38
C GLU B 187 -7.99 7.13 -25.84
N ALA B 188 -7.63 6.09 -25.07
CA ALA B 188 -7.89 4.74 -25.55
C ALA B 188 -9.39 4.43 -25.69
N LEU B 189 -10.23 5.12 -24.93
CA LEU B 189 -11.65 4.88 -25.04
C LEU B 189 -12.28 5.88 -26.01
N SER B 190 -11.49 6.85 -26.46
CA SER B 190 -12.02 7.87 -27.34
C SER B 190 -12.61 7.27 -28.59
N PRO B 191 -13.92 7.49 -28.80
CA PRO B 191 -14.67 7.01 -29.95
C PRO B 191 -14.17 7.82 -31.15
N SER B 192 -13.92 9.11 -30.94
CA SER B 192 -13.37 9.94 -31.99
C SER B 192 -12.34 9.03 -32.68
N SER B 198 -1.34 12.33 -30.27
CA SER B 198 -1.45 12.09 -28.78
C SER B 198 -1.21 13.36 -27.96
N LEU B 199 -1.98 13.54 -26.91
CA LEU B 199 -1.82 14.71 -26.06
C LEU B 199 -0.90 14.43 -24.86
N VAL B 200 -0.17 13.32 -24.90
CA VAL B 200 0.71 12.94 -23.79
C VAL B 200 1.80 13.94 -23.51
N PRO B 201 2.52 14.39 -24.58
CA PRO B 201 3.60 15.37 -24.44
C PRO B 201 3.08 16.63 -23.76
N PHE B 202 1.84 16.97 -24.08
CA PHE B 202 1.17 18.13 -23.51
C PHE B 202 0.78 17.93 -22.02
N ILE B 203 0.22 16.76 -21.70
CA ILE B 203 -0.18 16.50 -20.33
C ILE B 203 1.09 16.40 -19.41
N ASN B 204 2.19 15.90 -19.98
CA ASN B 204 3.48 15.76 -19.31
C ASN B 204 3.96 17.17 -18.94
N LEU B 205 3.96 18.07 -19.93
CA LEU B 205 4.39 19.46 -19.68
C LEU B 205 3.53 20.05 -18.61
N LEU B 206 2.23 19.81 -18.72
CA LEU B 206 1.27 20.30 -17.74
C LEU B 206 1.58 19.76 -16.32
N GLY B 207 1.91 18.48 -16.22
CA GLY B 207 2.26 17.92 -14.92
C GLY B 207 3.53 18.56 -14.36
N ILE B 208 4.51 18.84 -15.22
CA ILE B 208 5.72 19.46 -14.74
C ILE B 208 5.40 20.85 -14.21
N ILE B 209 4.59 21.61 -14.96
CA ILE B 209 4.23 22.95 -14.52
C ILE B 209 3.52 22.90 -13.18
N TYR B 210 2.52 22.05 -13.10
CA TYR B 210 1.75 21.91 -11.87
C TYR B 210 2.66 21.57 -10.63
N GLN B 211 3.60 20.63 -10.77
CA GLN B 211 4.44 20.26 -9.65
C GLN B 211 5.42 21.39 -9.28
N ILE B 212 6.02 22.05 -10.28
CA ILE B 212 6.97 23.13 -9.94
C ILE B 212 6.23 24.30 -9.26
N ARG B 213 5.07 24.65 -9.79
CA ARG B 213 4.20 25.71 -9.24
C ARG B 213 3.81 25.30 -7.80
N ASP B 214 3.45 24.04 -7.63
CA ASP B 214 3.09 23.56 -6.26
C ASP B 214 4.31 23.76 -5.33
N ASP B 215 5.52 23.40 -5.77
CA ASP B 215 6.69 23.63 -4.90
C ASP B 215 6.91 25.12 -4.65
N TYR B 216 6.71 25.92 -5.69
CA TYR B 216 6.89 27.34 -5.56
C TYR B 216 5.88 27.96 -4.59
N LEU B 217 4.60 27.65 -4.77
CA LEU B 217 3.56 28.23 -3.92
C LEU B 217 3.66 27.81 -2.47
N ASN B 218 4.22 26.62 -2.22
CA ASN B 218 4.36 26.14 -0.84
C ASN B 218 5.19 27.12 0.00
N LEU B 219 6.20 27.73 -0.64
CA LEU B 219 7.10 28.67 0.01
C LEU B 219 6.59 30.12 -0.08
N LYS B 220 6.00 30.48 -1.22
CA LYS B 220 5.48 31.83 -1.46
C LYS B 220 4.24 32.13 -0.62
N ASP B 221 3.35 31.17 -0.44
CA ASP B 221 2.16 31.40 0.38
C ASP B 221 2.57 31.66 1.82
N PHE B 222 3.83 31.34 2.13
CA PHE B 222 4.38 31.54 3.47
C PHE B 222 4.99 32.95 3.57
N GLY B 229 -0.35 29.14 3.96
CA GLY B 229 0.66 28.10 3.82
C GLY B 229 1.62 27.98 5.01
N PHE B 230 1.84 26.75 5.45
CA PHE B 230 2.74 26.53 6.57
C PHE B 230 4.14 26.21 6.00
N ALA B 231 4.32 26.27 4.68
CA ALA B 231 5.60 25.90 4.03
C ALA B 231 5.96 24.49 4.56
N GLU B 232 4.98 23.59 4.57
CA GLU B 232 5.18 22.23 5.05
C GLU B 232 6.31 21.47 4.31
N ASP B 233 6.59 21.85 3.07
CA ASP B 233 7.69 21.22 2.35
C ASP B 233 9.02 21.34 3.10
N ILE B 234 9.20 22.44 3.83
CA ILE B 234 10.45 22.61 4.59
C ILE B 234 10.46 21.61 5.75
N THR B 235 9.35 21.58 6.48
CA THR B 235 9.22 20.68 7.64
C THR B 235 9.47 19.21 7.21
N GLU B 236 8.98 18.89 6.02
CA GLU B 236 9.08 17.55 5.44
C GLU B 236 10.50 17.29 4.89
N GLY B 237 11.29 18.34 4.67
CA GLY B 237 12.66 18.14 4.17
C GLY B 237 12.75 17.79 2.69
N LYS B 238 11.69 18.12 1.96
CA LYS B 238 11.58 17.84 0.53
C LYS B 238 12.60 18.50 -0.42
N LEU B 239 13.10 17.75 -1.42
CA LEU B 239 14.06 18.35 -2.37
C LEU B 239 13.15 19.00 -3.41
N SER B 240 12.54 20.13 -3.07
CA SER B 240 11.63 20.81 -4.00
C SER B 240 12.45 21.46 -5.15
N PHE B 241 11.77 22.02 -6.15
CA PHE B 241 12.46 22.64 -7.28
C PHE B 241 13.36 23.80 -6.85
N PRO B 242 12.87 24.71 -5.99
CA PRO B 242 13.67 25.86 -5.51
C PRO B 242 14.84 25.39 -4.62
N ILE B 243 14.60 24.38 -3.78
CA ILE B 243 15.65 23.83 -2.92
C ILE B 243 16.74 23.21 -3.78
N VAL B 244 16.35 22.43 -4.77
CA VAL B 244 17.34 21.82 -5.67
C VAL B 244 18.19 22.93 -6.34
N HIS B 245 17.54 24.00 -6.78
CA HIS B 245 18.27 25.08 -7.40
C HIS B 245 19.21 25.70 -6.39
N ALA B 246 18.68 26.00 -5.19
CA ALA B 246 19.47 26.63 -4.18
C ALA B 246 20.71 25.80 -3.78
N LEU B 247 20.52 24.48 -3.65
CA LEU B 247 21.65 23.64 -3.26
C LEU B 247 22.69 23.58 -4.38
N ASN B 248 22.24 23.44 -5.62
CA ASN B 248 23.24 23.38 -6.68
C ASN B 248 23.88 24.74 -6.97
N PHE B 249 23.12 25.82 -6.78
CA PHE B 249 23.67 27.17 -6.96
C PHE B 249 24.78 27.39 -5.93
N THR B 250 24.50 27.11 -4.65
CA THR B 250 25.48 27.36 -3.62
C THR B 250 26.68 26.43 -3.80
N LYS B 251 26.45 25.22 -4.26
CA LYS B 251 27.59 24.32 -4.49
C LYS B 251 28.51 24.90 -5.59
N THR B 252 27.93 25.35 -6.69
CA THR B 252 28.67 25.90 -7.85
C THR B 252 29.48 27.16 -7.52
N LYS B 253 28.85 28.04 -6.77
CA LYS B 253 29.52 29.26 -6.41
C LYS B 253 30.46 29.02 -5.23
N GLY B 254 30.65 27.77 -4.80
CA GLY B 254 31.53 27.53 -3.66
C GLY B 254 31.11 28.19 -2.33
N GLN B 255 29.80 28.46 -2.14
CA GLN B 255 29.28 29.06 -0.91
C GLN B 255 28.97 27.96 0.15
N THR B 256 30.02 27.37 0.67
CA THR B 256 29.97 26.33 1.67
C THR B 256 29.04 26.58 2.83
N GLU B 257 29.18 27.69 3.50
CA GLU B 257 28.29 27.88 4.65
C GLU B 257 26.82 27.97 4.32
N GLN B 258 26.50 28.63 3.21
CA GLN B 258 25.11 28.80 2.79
C GLN B 258 24.51 27.43 2.42
N HIS B 259 25.28 26.66 1.65
CA HIS B 259 24.91 25.34 1.21
C HIS B 259 24.60 24.49 2.43
N ASN B 260 25.53 24.49 3.38
CA ASN B 260 25.36 23.74 4.60
C ASN B 260 24.16 24.21 5.45
N GLU B 261 23.92 25.52 5.51
CA GLU B 261 22.78 26.03 6.29
C GLU B 261 21.46 25.52 5.69
N ILE B 262 21.38 25.45 4.38
CA ILE B 262 20.17 24.96 3.75
C ILE B 262 19.98 23.50 4.16
N LEU B 263 21.04 22.70 4.06
CA LEU B 263 20.95 21.32 4.45
C LEU B 263 20.56 21.19 5.91
N ARG B 264 21.14 22.03 6.75
CA ARG B 264 20.87 21.93 8.19
C ARG B 264 19.38 22.18 8.51
N ILE B 265 18.80 23.15 7.83
CA ILE B 265 17.40 23.47 8.10
C ILE B 265 16.50 22.37 7.62
N LEU B 266 16.75 21.85 6.42
CA LEU B 266 15.92 20.74 5.91
C LEU B 266 16.01 19.54 6.83
N LEU B 267 17.20 19.27 7.37
CA LEU B 267 17.39 18.13 8.25
C LEU B 267 16.74 18.29 9.61
N LEU B 268 16.41 19.51 10.02
CA LEU B 268 15.77 19.71 11.32
C LEU B 268 14.35 19.19 11.35
N ARG B 269 13.68 19.07 10.18
CA ARG B 269 12.27 18.65 10.13
C ARG B 269 11.53 19.58 11.09
N THR B 270 11.79 20.86 10.98
CA THR B 270 11.22 21.84 11.87
C THR B 270 9.87 22.40 11.49
N SER B 271 9.13 22.70 12.55
CA SER B 271 7.82 23.35 12.42
C SER B 271 7.92 24.82 12.92
N ASP B 272 9.10 25.23 13.34
CA ASP B 272 9.31 26.61 13.84
C ASP B 272 9.22 27.62 12.68
N LYS B 273 8.19 28.46 12.67
CA LYS B 273 8.00 29.41 11.57
C LYS B 273 9.19 30.39 11.36
N ASP B 274 9.91 30.70 12.41
CA ASP B 274 11.06 31.59 12.30
C ASP B 274 12.16 30.92 11.49
N ILE B 275 12.36 29.63 11.74
CA ILE B 275 13.38 28.88 11.02
C ILE B 275 12.98 28.66 9.56
N LYS B 276 11.70 28.45 9.32
CA LYS B 276 11.27 28.25 7.93
C LYS B 276 11.51 29.55 7.16
N LEU B 277 11.22 30.67 7.80
CA LEU B 277 11.42 31.97 7.18
C LEU B 277 12.91 32.20 6.92
N LYS B 278 13.76 31.80 7.86
CA LYS B 278 15.17 31.95 7.66
C LYS B 278 15.61 31.26 6.39
N LEU B 279 15.07 30.07 6.11
CA LEU B 279 15.47 29.34 4.89
C LEU B 279 14.91 30.08 3.66
N ILE B 280 13.65 30.51 3.75
CA ILE B 280 13.04 31.20 2.64
C ILE B 280 13.87 32.45 2.33
N GLN B 281 14.42 33.09 3.36
CA GLN B 281 15.24 34.30 3.10
C GLN B 281 16.52 33.95 2.35
N ILE B 282 17.08 32.78 2.66
CA ILE B 282 18.29 32.39 1.95
C ILE B 282 17.90 32.19 0.50
N LEU B 283 16.74 31.59 0.26
CA LEU B 283 16.29 31.37 -1.09
C LEU B 283 15.92 32.65 -1.86
N GLU B 284 15.38 33.65 -1.18
CA GLU B 284 15.02 34.93 -1.84
C GLU B 284 16.27 35.82 -2.08
N PHE B 285 17.00 36.08 -1.00
CA PHE B 285 18.17 36.96 -1.00
C PHE B 285 19.59 36.43 -1.33
N ASP B 286 19.87 35.15 -1.15
CA ASP B 286 21.21 34.66 -1.43
C ASP B 286 21.32 33.92 -2.74
N THR B 287 20.36 33.04 -3.05
CA THR B 287 20.45 32.25 -4.28
C THR B 287 19.43 32.65 -5.33
N ASN B 288 18.53 33.55 -4.96
CA ASN B 288 17.49 34.00 -5.85
C ASN B 288 16.77 32.82 -6.51
N SER B 289 16.51 31.77 -5.73
CA SER B 289 15.81 30.59 -6.25
C SER B 289 14.31 30.79 -6.47
N LEU B 290 13.67 31.71 -5.76
CA LEU B 290 12.23 31.89 -6.00
C LEU B 290 12.04 32.58 -7.37
N ALA B 291 12.82 33.62 -7.67
CA ALA B 291 12.71 34.26 -8.99
C ALA B 291 13.11 33.26 -10.06
N TYR B 292 14.13 32.45 -9.76
CA TYR B 292 14.59 31.45 -10.73
C TYR B 292 13.48 30.49 -11.09
N THR B 293 12.73 30.06 -10.08
CA THR B 293 11.62 29.13 -10.25
C THR B 293 10.44 29.80 -10.98
N LYS B 294 10.12 31.05 -10.61
CA LYS B 294 9.04 31.79 -11.27
C LYS B 294 9.31 31.85 -12.78
N ASN B 295 10.55 32.22 -13.10
CA ASN B 295 11.00 32.34 -14.49
C ASN B 295 10.84 31.03 -15.20
N PHE B 296 11.37 29.98 -14.59
CA PHE B 296 11.28 28.64 -15.18
C PHE B 296 9.79 28.31 -15.49
N ILE B 297 8.91 28.52 -14.54
CA ILE B 297 7.50 28.24 -14.76
C ILE B 297 6.96 29.05 -15.95
N ASN B 298 7.34 30.34 -16.02
CA ASN B 298 6.89 31.22 -17.11
C ASN B 298 7.37 30.71 -18.43
N GLN B 299 8.61 30.25 -18.49
CA GLN B 299 9.11 29.69 -19.74
C GLN B 299 8.32 28.42 -20.16
N LEU B 300 7.91 27.62 -19.17
CA LEU B 300 7.16 26.38 -19.47
C LEU B 300 5.76 26.73 -19.93
N VAL B 301 5.11 27.64 -19.20
CA VAL B 301 3.77 28.10 -19.53
C VAL B 301 3.81 28.72 -20.93
N ASN B 302 4.91 29.40 -21.25
CA ASN B 302 5.02 29.99 -22.57
C ASN B 302 5.06 28.92 -23.64
N MET B 303 5.76 27.81 -23.38
CA MET B 303 5.82 26.73 -24.35
C MET B 303 4.40 26.24 -24.71
N ILE B 304 3.48 26.30 -23.75
CA ILE B 304 2.10 25.90 -24.01
C ILE B 304 1.43 27.09 -24.70
N LYS B 305 1.33 28.20 -23.98
CA LYS B 305 0.72 29.42 -24.49
C LYS B 305 1.27 29.92 -25.84
N ASN B 306 2.42 29.39 -26.26
CA ASN B 306 2.99 29.78 -27.55
C ASN B 306 3.17 28.48 -28.34
#